data_8E19
#
_entry.id   8E19
#
_cell.length_a   85.843
_cell.length_b   85.843
_cell.length_c   129.317
_cell.angle_alpha   90.000
_cell.angle_beta   90.000
_cell.angle_gamma   90.000
#
_symmetry.space_group_name_H-M   'P 41 21 2'
#
loop_
_entity.id
_entity.type
_entity.pdbx_description
1 polymer 'Secreted hydrolase'
2 non-polymer (1R,8S,13S)-8-[(4-hydroxy-9,10-dioxo-9,10-dihydroanthracen-1-yl)amino]-12-methoxy-10-methylbicyclo[7.3.1]trideca-9,11-diene-2,6-diyne-13-carbaldehyde
3 non-polymer '4-(2-HYDROXYETHYL)-1-PIPERAZINE ETHANESULFONIC ACID'
4 non-polymer 'SUCCINIC ACID'
5 water water
#
_entity_poly.entity_id   1
_entity_poly.type   'polypeptide(L)'
_entity_poly.pdbx_seq_one_letter_code
;MTEHRSVRFSAPRPSWRPAGDDTPLAGLECATVTVPVDHARPDGPTLEVALARHPARSAGRRRGVLLVGPDDPGNPGTLL
VPQLVRDLPADVLDGYDVVGFDHRFSGGSAPLSCGLTPDQWLWIFHRPQDVESEARFQRAVVERCFDAAGDVLPYLTSRD
IARDMDVIRRALGEDRISYLGHSYGSYLGAVWTQMFGEHADRVVLDSVIDPSSVWRRMFLDYAVSCEAALERWAHWAAER
DGELDLGRDAPTVRAALDALAGRADREPLPVAGMPVDGTMLRLFTMVLLSSDRAWGFLGDIVRAAVHGDEAAPSTLRALG
AMFGRGKEESGAVAQLGVLCGDAAWPRDMEVYRRDLAGHGARHPFIGPAMAGPKAGAFWPVPPAEPVTVLGADNRAESVL
LVQSEQDMFTPARGARRMRELLAHNTRLVTLAGAVQHRVFPFHGDPGVNRAAAAYLLTGKLPDTDLTLRAAAADGGPAGE
GSPS
;
_entity_poly.pdbx_strand_id   A
#
# COMPACT_ATOMS: atom_id res chain seq x y z
N PHE A 9 12.01 7.30 -25.37
CA PHE A 9 10.64 7.06 -25.82
C PHE A 9 9.86 8.37 -25.97
N SER A 10 9.07 8.47 -27.05
CA SER A 10 8.35 9.69 -27.36
C SER A 10 7.26 9.94 -26.33
N ALA A 11 7.34 11.07 -25.65
CA ALA A 11 6.42 11.43 -24.57
C ALA A 11 5.67 12.72 -24.88
N PRO A 12 4.59 12.65 -25.67
CA PRO A 12 3.86 13.87 -26.01
C PRO A 12 3.09 14.42 -24.81
N ARG A 13 2.90 15.74 -24.81
CA ARG A 13 2.28 16.42 -23.69
C ARG A 13 0.83 15.97 -23.52
N PRO A 14 0.37 15.74 -22.29
CA PRO A 14 -0.96 15.17 -22.08
C PRO A 14 -2.08 16.13 -22.50
N SER A 15 -3.23 15.54 -22.82
CA SER A 15 -4.41 16.27 -23.25
C SER A 15 -5.38 16.38 -22.07
N TRP A 16 -5.13 17.35 -21.21
CA TRP A 16 -5.92 17.54 -20.01
C TRP A 16 -7.35 17.93 -20.34
N ARG A 17 -8.30 17.37 -19.58
CA ARG A 17 -9.72 17.66 -19.71
C ARG A 17 -10.35 17.64 -18.32
N PRO A 18 -11.38 18.44 -18.09
CA PRO A 18 -12.05 18.39 -16.79
C PRO A 18 -12.63 17.00 -16.54
N ALA A 19 -12.36 16.47 -15.36
CA ALA A 19 -13.00 15.23 -14.98
C ALA A 19 -14.49 15.47 -14.79
N GLY A 20 -15.29 14.47 -15.15
CA GLY A 20 -16.73 14.61 -15.00
C GLY A 20 -17.13 14.77 -13.54
N ASP A 21 -18.18 15.53 -13.32
CA ASP A 21 -18.73 15.63 -11.97
C ASP A 21 -19.42 14.34 -11.54
N ASP A 22 -19.48 13.34 -12.41
CA ASP A 22 -19.98 12.01 -12.09
C ASP A 22 -18.87 11.06 -11.63
N THR A 23 -17.64 11.55 -11.49
CA THR A 23 -16.48 10.77 -11.12
C THR A 23 -16.00 11.14 -9.71
N PRO A 24 -15.23 10.26 -9.06
CA PRO A 24 -14.56 10.67 -7.82
C PRO A 24 -13.53 11.78 -8.02
N LEU A 25 -13.17 12.08 -9.27
CA LEU A 25 -12.19 13.12 -9.57
C LEU A 25 -12.82 14.45 -9.94
N ALA A 26 -14.11 14.64 -9.64
CA ALA A 26 -14.78 15.89 -9.94
C ALA A 26 -13.99 17.07 -9.39
N GLY A 27 -13.93 18.14 -10.19
CA GLY A 27 -13.13 19.30 -9.86
C GLY A 27 -11.67 19.23 -10.27
N LEU A 28 -11.21 18.08 -10.73
CA LEU A 28 -9.83 17.89 -11.17
C LEU A 28 -9.76 17.77 -12.69
N GLU A 29 -8.55 17.65 -13.20
CA GLU A 29 -8.29 17.38 -14.61
C GLU A 29 -7.81 15.95 -14.78
N CYS A 30 -8.07 15.39 -15.96
CA CYS A 30 -7.71 14.01 -16.27
CA CYS A 30 -7.61 14.03 -16.22
C CYS A 30 -7.02 13.95 -17.63
N ALA A 31 -6.09 13.00 -17.77
CA ALA A 31 -5.35 12.79 -19.01
C ALA A 31 -4.68 11.42 -18.91
N THR A 32 -4.19 10.94 -20.04
CA THR A 32 -3.39 9.73 -20.09
C THR A 32 -2.03 10.03 -20.72
N VAL A 33 -1.05 9.19 -20.37
CA VAL A 33 0.29 9.29 -20.92
C VAL A 33 0.65 7.92 -21.49
N THR A 34 1.14 7.91 -22.72
CA THR A 34 1.51 6.67 -23.38
C THR A 34 2.85 6.18 -22.86
N VAL A 35 2.92 4.90 -22.46
CA VAL A 35 4.16 4.27 -22.05
C VAL A 35 4.31 2.96 -22.80
N PRO A 36 5.53 2.55 -23.15
CA PRO A 36 5.70 1.24 -23.77
C PRO A 36 5.58 0.13 -22.74
N VAL A 37 4.90 -0.96 -23.14
CA VAL A 37 4.83 -2.14 -22.28
C VAL A 37 6.22 -2.59 -21.90
N ASP A 38 7.09 -2.72 -22.89
CA ASP A 38 8.50 -3.06 -22.72
C ASP A 38 9.33 -1.81 -22.99
N HIS A 39 9.93 -1.25 -21.94
CA HIS A 39 10.74 -0.05 -22.12
C HIS A 39 11.99 -0.31 -22.95
N ALA A 40 12.39 -1.58 -23.09
CA ALA A 40 13.46 -1.94 -24.01
C ALA A 40 13.00 -2.03 -25.45
N ARG A 41 11.68 -2.07 -25.69
CA ARG A 41 11.12 -2.14 -27.04
C ARG A 41 10.17 -0.96 -27.24
N PRO A 42 10.72 0.26 -27.35
CA PRO A 42 9.86 1.46 -27.44
C PRO A 42 9.02 1.52 -28.70
N ASP A 43 9.26 0.67 -29.69
CA ASP A 43 8.40 0.58 -30.86
C ASP A 43 7.38 -0.54 -30.76
N GLY A 44 7.39 -1.29 -29.65
CA GLY A 44 6.43 -2.34 -29.42
C GLY A 44 5.10 -1.79 -28.92
N PRO A 45 4.29 -2.67 -28.33
CA PRO A 45 2.97 -2.23 -27.83
C PRO A 45 3.11 -1.22 -26.70
N THR A 46 2.03 -0.46 -26.51
CA THR A 46 1.97 0.58 -25.48
C THR A 46 0.69 0.43 -24.68
N LEU A 47 0.61 1.20 -23.59
CA LEU A 47 -0.61 1.34 -22.82
C LEU A 47 -0.71 2.79 -22.36
N GLU A 48 -1.91 3.17 -21.94
CA GLU A 48 -2.19 4.53 -21.50
C GLU A 48 -2.23 4.55 -19.97
N VAL A 49 -1.37 5.38 -19.38
CA VAL A 49 -1.33 5.54 -17.93
C VAL A 49 -2.21 6.73 -17.54
N ALA A 50 -3.18 6.48 -16.67
CA ALA A 50 -4.14 7.51 -16.29
C ALA A 50 -3.56 8.48 -15.27
N LEU A 51 -3.82 9.78 -15.48
CA LEU A 51 -3.38 10.83 -14.58
C LEU A 51 -4.57 11.66 -14.09
N ALA A 52 -4.38 12.27 -12.93
CA ALA A 52 -5.32 13.25 -12.38
C ALA A 52 -4.51 14.39 -11.79
N ARG A 53 -4.92 15.62 -12.07
CA ARG A 53 -4.15 16.80 -11.68
C ARG A 53 -5.02 17.80 -10.94
N HIS A 54 -4.52 18.29 -9.82
CA HIS A 54 -5.02 19.51 -9.20
C HIS A 54 -3.98 20.59 -9.43
N PRO A 55 -4.22 21.55 -10.32
CA PRO A 55 -3.18 22.52 -10.65
C PRO A 55 -2.87 23.44 -9.47
N ALA A 56 -1.61 23.88 -9.41
CA ALA A 56 -1.19 24.84 -8.40
C ALA A 56 -2.13 26.04 -8.40
N ARG A 57 -2.58 26.43 -7.21
CA ARG A 57 -3.57 27.50 -7.13
C ARG A 57 -2.98 28.86 -7.41
N SER A 58 -1.68 29.04 -7.19
CA SER A 58 -1.02 30.34 -7.35
C SER A 58 0.13 30.19 -8.35
N ALA A 59 -0.03 30.80 -9.53
CA ALA A 59 1.01 30.68 -10.55
C ALA A 59 2.30 31.36 -10.10
N GLY A 60 2.19 32.47 -9.37
CA GLY A 60 3.39 33.18 -8.93
C GLY A 60 4.21 32.41 -7.92
N ARG A 61 3.56 31.52 -7.16
CA ARG A 61 4.25 30.69 -6.18
C ARG A 61 4.41 29.25 -6.65
N ARG A 62 4.16 28.98 -7.93
CA ARG A 62 4.28 27.62 -8.44
C ARG A 62 5.74 27.19 -8.45
N ARG A 63 6.03 26.09 -7.76
CA ARG A 63 7.36 25.50 -7.77
C ARG A 63 7.51 24.46 -8.88
N GLY A 64 6.46 23.74 -9.21
CA GLY A 64 6.51 22.72 -10.24
C GLY A 64 5.39 21.68 -9.99
N VAL A 65 5.76 20.41 -10.24
CA VAL A 65 4.80 19.30 -10.15
C VAL A 65 5.16 18.45 -8.93
N LEU A 66 4.15 18.10 -8.15
CA LEU A 66 4.27 17.10 -7.10
C LEU A 66 3.62 15.83 -7.62
N LEU A 67 4.45 14.92 -8.14
CA LEU A 67 3.95 13.62 -8.59
C LEU A 67 3.63 12.76 -7.37
N VAL A 68 2.50 12.04 -7.44
CA VAL A 68 2.04 11.22 -6.34
C VAL A 68 1.81 9.80 -6.84
N GLY A 69 2.43 8.83 -6.18
CA GLY A 69 2.28 7.44 -6.58
C GLY A 69 1.22 6.72 -5.79
N PRO A 70 0.75 5.58 -6.31
CA PRO A 70 -0.20 4.74 -5.56
C PRO A 70 0.36 4.33 -4.21
N ASP A 71 -0.53 4.16 -3.23
CA ASP A 71 -0.08 3.79 -1.89
C ASP A 71 0.01 2.28 -1.67
N ASP A 72 -0.77 1.49 -2.41
CA ASP A 72 -0.68 0.05 -2.47
C ASP A 72 -0.58 -0.37 -3.93
N PRO A 73 0.08 -1.50 -4.22
CA PRO A 73 -0.03 -2.05 -5.59
C PRO A 73 -1.49 -2.36 -5.87
N GLY A 74 -1.95 -1.96 -7.06
CA GLY A 74 -3.34 -2.12 -7.44
C GLY A 74 -4.27 -1.00 -7.01
N ASN A 75 -3.84 -0.15 -6.08
CA ASN A 75 -4.67 0.97 -5.65
C ASN A 75 -4.51 2.13 -6.63
N PRO A 76 -5.61 2.67 -7.18
CA PRO A 76 -5.49 3.81 -8.10
C PRO A 76 -4.88 5.05 -7.44
N GLY A 77 -3.69 5.44 -7.89
CA GLY A 77 -3.07 6.64 -7.36
C GLY A 77 -3.79 7.92 -7.72
N THR A 78 -4.57 7.91 -8.81
CA THR A 78 -5.40 9.08 -9.12
C THR A 78 -6.34 9.42 -7.98
N LEU A 79 -6.81 8.41 -7.25
CA LEU A 79 -7.75 8.64 -6.16
C LEU A 79 -7.10 9.29 -4.95
N LEU A 80 -5.77 9.38 -4.92
CA LEU A 80 -5.09 10.10 -3.84
C LEU A 80 -5.19 11.61 -3.97
N VAL A 81 -5.44 12.13 -5.18
CA VAL A 81 -5.44 13.57 -5.40
C VAL A 81 -6.59 14.23 -4.63
N PRO A 82 -7.83 13.71 -4.70
CA PRO A 82 -8.89 14.30 -3.85
C PRO A 82 -8.56 14.25 -2.36
N GLN A 83 -7.98 13.15 -1.88
CA GLN A 83 -7.56 13.07 -0.49
C GLN A 83 -6.52 14.14 -0.17
N LEU A 84 -5.59 14.39 -1.11
CA LEU A 84 -4.56 15.38 -0.87
C LEU A 84 -5.11 16.80 -0.96
N VAL A 85 -6.03 17.05 -1.89
CA VAL A 85 -6.72 18.34 -1.92
C VAL A 85 -7.43 18.60 -0.59
N ARG A 86 -7.99 17.54 0.01
CA ARG A 86 -8.72 17.69 1.26
C ARG A 86 -7.78 18.03 2.42
N ASP A 87 -6.61 17.38 2.49
CA ASP A 87 -5.82 17.38 3.71
C ASP A 87 -4.48 18.12 3.63
N LEU A 88 -3.94 18.38 2.43
CA LEU A 88 -2.63 19.01 2.34
C LEU A 88 -2.69 20.43 2.91
N PRO A 89 -1.59 20.89 3.52
CA PRO A 89 -1.49 22.31 3.87
C PRO A 89 -1.71 23.19 2.65
N ALA A 90 -2.31 24.36 2.89
CA ALA A 90 -2.77 25.21 1.80
C ALA A 90 -1.62 25.69 0.93
N ASP A 91 -0.47 25.99 1.53
CA ASP A 91 0.63 26.53 0.71
C ASP A 91 1.22 25.45 -0.21
N VAL A 92 1.09 24.17 0.13
CA VAL A 92 1.51 23.12 -0.80
C VAL A 92 0.60 23.10 -2.03
N LEU A 93 -0.72 23.14 -1.80
CA LEU A 93 -1.66 23.17 -2.91
C LEU A 93 -1.54 24.45 -3.72
N ASP A 94 -1.07 25.54 -3.09
CA ASP A 94 -0.79 26.77 -3.82
C ASP A 94 0.43 26.61 -4.73
N GLY A 95 1.43 25.83 -4.31
CA GLY A 95 2.72 25.86 -4.97
C GLY A 95 3.02 24.72 -5.92
N TYR A 96 2.18 23.69 -5.96
CA TYR A 96 2.45 22.51 -6.76
C TYR A 96 1.23 22.09 -7.56
N ASP A 97 1.45 21.68 -8.81
CA ASP A 97 0.49 20.82 -9.51
C ASP A 97 0.56 19.44 -8.89
N VAL A 98 -0.49 19.01 -8.21
CA VAL A 98 -0.55 17.66 -7.65
C VAL A 98 -1.04 16.71 -8.73
N VAL A 99 -0.19 15.78 -9.12
CA VAL A 99 -0.48 14.85 -10.22
C VAL A 99 -0.34 13.43 -9.70
N GLY A 100 -1.45 12.71 -9.60
CA GLY A 100 -1.44 11.30 -9.27
C GLY A 100 -1.63 10.45 -10.51
N PHE A 101 -1.12 9.22 -10.47
CA PHE A 101 -1.23 8.28 -11.58
C PHE A 101 -1.65 6.91 -11.08
N ASP A 102 -2.35 6.19 -11.96
CA ASP A 102 -2.61 4.76 -11.77
C ASP A 102 -1.48 4.01 -12.43
N HIS A 103 -0.72 3.22 -11.66
CA HIS A 103 0.42 2.52 -12.23
C HIS A 103 -0.05 1.49 -13.26
N ARG A 104 0.86 1.16 -14.17
CA ARG A 104 0.56 0.25 -15.29
C ARG A 104 -0.18 -0.99 -14.81
N PHE A 105 -1.24 -1.36 -15.53
CA PHE A 105 -2.00 -2.58 -15.26
C PHE A 105 -2.68 -2.52 -13.89
N SER A 106 -3.39 -1.41 -13.65
CA SER A 106 -4.18 -1.20 -12.45
C SER A 106 -5.08 0.00 -12.71
N GLY A 107 -6.13 0.12 -11.88
CA GLY A 107 -6.98 1.30 -11.94
C GLY A 107 -7.53 1.53 -13.33
N GLY A 108 -7.31 2.73 -13.85
CA GLY A 108 -7.66 3.08 -15.22
C GLY A 108 -6.54 2.92 -16.21
N SER A 109 -5.43 2.32 -15.81
CA SER A 109 -4.26 2.13 -16.67
C SER A 109 -4.20 0.67 -17.08
N ALA A 110 -5.04 0.29 -18.03
CA ALA A 110 -5.10 -1.07 -18.56
C ALA A 110 -5.26 -2.13 -17.46
N PRO A 111 -6.31 -2.03 -16.64
CA PRO A 111 -6.50 -3.04 -15.59
C PRO A 111 -6.70 -4.42 -16.19
N LEU A 112 -6.28 -5.44 -15.44
CA LEU A 112 -6.33 -6.82 -15.89
C LEU A 112 -7.47 -7.56 -15.18
N SER A 113 -8.15 -8.42 -15.92
CA SER A 113 -9.12 -9.35 -15.36
C SER A 113 -8.78 -10.75 -15.84
N CYS A 114 -8.70 -11.69 -14.90
CA CYS A 114 -8.23 -13.03 -15.21
C CYS A 114 -9.21 -14.12 -14.79
N GLY A 115 -10.43 -13.75 -14.39
CA GLY A 115 -11.39 -14.73 -13.93
C GLY A 115 -11.16 -15.23 -12.51
N LEU A 116 -10.49 -14.45 -11.67
CA LEU A 116 -10.23 -14.87 -10.30
C LEU A 116 -11.51 -14.86 -9.48
N THR A 117 -11.71 -15.92 -8.69
CA THR A 117 -12.81 -15.94 -7.74
C THR A 117 -12.52 -14.95 -6.60
N PRO A 118 -13.57 -14.42 -5.96
CA PRO A 118 -13.33 -13.50 -4.83
C PRO A 118 -12.40 -14.06 -3.77
N ASP A 119 -12.47 -15.37 -3.54
CA ASP A 119 -11.55 -16.03 -2.62
C ASP A 119 -10.10 -15.87 -3.09
N GLN A 120 -9.87 -15.88 -4.41
CA GLN A 120 -8.53 -15.71 -4.95
C GLN A 120 -8.04 -14.28 -4.90
N TRP A 121 -8.94 -13.29 -4.83
CA TRP A 121 -8.52 -11.90 -4.71
C TRP A 121 -7.70 -11.68 -3.44
N LEU A 122 -7.99 -12.44 -2.39
CA LEU A 122 -7.29 -12.34 -1.11
C LEU A 122 -6.18 -13.37 -0.98
N TRP A 123 -5.46 -13.64 -2.08
CA TRP A 123 -4.41 -14.65 -2.05
C TRP A 123 -3.29 -14.28 -1.08
N ILE A 124 -3.07 -12.98 -0.85
CA ILE A 124 -2.03 -12.57 0.09
C ILE A 124 -2.33 -13.08 1.49
N PHE A 125 -3.60 -12.96 1.92
CA PHE A 125 -3.98 -13.22 3.30
C PHE A 125 -4.69 -14.56 3.49
N HIS A 126 -4.76 -15.38 2.43
CA HIS A 126 -5.52 -16.62 2.49
C HIS A 126 -4.99 -17.56 3.55
N ARG A 127 -5.87 -18.04 4.41
CA ARG A 127 -5.47 -18.97 5.47
C ARG A 127 -5.21 -20.35 4.88
N PRO A 128 -4.03 -20.93 5.11
CA PRO A 128 -3.74 -22.25 4.54
C PRO A 128 -4.28 -23.38 5.40
N GLN A 129 -4.67 -24.46 4.73
CA GLN A 129 -5.01 -25.68 5.44
C GLN A 129 -3.75 -26.51 5.71
N ASP A 130 -2.93 -26.71 4.69
CA ASP A 130 -1.62 -27.34 4.83
C ASP A 130 -0.77 -26.91 3.65
N VAL A 131 0.52 -27.28 3.69
CA VAL A 131 1.44 -26.86 2.65
C VAL A 131 0.98 -27.35 1.29
N GLU A 132 0.54 -28.62 1.23
CA GLU A 132 0.14 -29.21 -0.04
C GLU A 132 -1.07 -28.50 -0.63
N SER A 133 -2.11 -28.28 0.19
CA SER A 133 -3.32 -27.66 -0.30
C SER A 133 -3.11 -26.20 -0.67
N GLU A 134 -2.28 -25.49 0.10
CA GLU A 134 -2.04 -24.08 -0.20
C GLU A 134 -1.17 -23.91 -1.44
N ALA A 135 -0.20 -24.80 -1.62
CA ALA A 135 0.59 -24.78 -2.85
C ALA A 135 -0.31 -24.93 -4.07
N ARG A 136 -1.33 -25.79 -3.97
CA ARG A 136 -2.29 -25.92 -5.05
C ARG A 136 -3.13 -24.65 -5.21
N PHE A 137 -3.61 -24.10 -4.09
CA PHE A 137 -4.39 -22.86 -4.14
C PHE A 137 -3.59 -21.73 -4.78
N GLN A 138 -2.35 -21.52 -4.33
CA GLN A 138 -1.59 -20.37 -4.80
C GLN A 138 -1.09 -20.56 -6.22
N ARG A 139 -0.63 -21.77 -6.58
CA ARG A 139 -0.25 -22.00 -7.96
C ARG A 139 -1.42 -21.80 -8.90
N ALA A 140 -2.62 -22.19 -8.47
CA ALA A 140 -3.82 -21.99 -9.30
C ALA A 140 -4.01 -20.52 -9.63
N VAL A 141 -3.81 -19.64 -8.65
CA VAL A 141 -3.92 -18.20 -8.90
C VAL A 141 -2.93 -17.78 -9.98
N VAL A 142 -1.70 -18.29 -9.91
CA VAL A 142 -0.66 -17.93 -10.87
C VAL A 142 -1.06 -18.37 -12.27
N GLU A 143 -1.42 -19.65 -12.42
CA GLU A 143 -1.72 -20.17 -13.76
C GLU A 143 -2.96 -19.51 -14.34
N ARG A 144 -3.94 -19.18 -13.49
CA ARG A 144 -5.11 -18.44 -13.97
C ARG A 144 -4.70 -17.08 -14.53
N CYS A 145 -3.87 -16.35 -13.80
CA CYS A 145 -3.51 -15.00 -14.23
C CYS A 145 -2.59 -15.01 -15.44
N PHE A 146 -1.69 -16.00 -15.53
CA PHE A 146 -0.84 -16.06 -16.71
C PHE A 146 -1.60 -16.56 -17.95
N ASP A 147 -2.60 -17.43 -17.77
CA ASP A 147 -3.46 -17.81 -18.88
C ASP A 147 -4.11 -16.61 -19.52
N ALA A 148 -4.57 -15.65 -18.71
CA ALA A 148 -5.30 -14.50 -19.21
C ALA A 148 -4.43 -13.29 -19.49
N ALA A 149 -3.25 -13.19 -18.86
CA ALA A 149 -2.44 -11.99 -19.01
C ALA A 149 -0.94 -12.26 -18.95
N GLY A 150 -0.53 -13.48 -19.30
CA GLY A 150 0.90 -13.81 -19.29
C GLY A 150 1.73 -12.97 -20.23
N ASP A 151 1.09 -12.29 -21.18
CA ASP A 151 1.84 -11.47 -22.13
C ASP A 151 2.34 -10.17 -21.51
N VAL A 152 1.62 -9.62 -20.53
CA VAL A 152 2.02 -8.35 -19.92
C VAL A 152 2.53 -8.50 -18.50
N LEU A 153 2.14 -9.56 -17.78
CA LEU A 153 2.57 -9.73 -16.39
C LEU A 153 4.08 -9.61 -16.19
N PRO A 154 4.95 -10.12 -17.06
CA PRO A 154 6.39 -9.90 -16.86
C PRO A 154 6.82 -8.45 -16.87
N TYR A 155 5.96 -7.53 -17.32
CA TYR A 155 6.26 -6.11 -17.37
C TYR A 155 5.56 -5.32 -16.29
N LEU A 156 5.01 -6.02 -15.29
CA LEU A 156 4.42 -5.40 -14.11
C LEU A 156 5.41 -5.55 -12.96
N THR A 157 6.36 -4.62 -12.90
CA THR A 157 7.37 -4.61 -11.85
C THR A 157 7.52 -3.19 -11.30
N SER A 158 8.11 -3.10 -10.10
CA SER A 158 8.32 -1.78 -9.50
C SER A 158 9.23 -0.92 -10.36
N ARG A 159 10.28 -1.52 -10.93
CA ARG A 159 11.22 -0.75 -11.75
C ARG A 159 10.58 -0.27 -13.05
N ASP A 160 9.68 -1.07 -13.63
CA ASP A 160 8.98 -0.61 -14.83
C ASP A 160 8.03 0.54 -14.50
N ILE A 161 7.41 0.50 -13.32
CA ILE A 161 6.59 1.64 -12.90
C ILE A 161 7.45 2.88 -12.73
N ALA A 162 8.65 2.71 -12.16
CA ALA A 162 9.56 3.85 -12.04
C ALA A 162 9.97 4.38 -13.41
N ARG A 163 10.15 3.49 -14.39
CA ARG A 163 10.38 3.94 -15.76
C ARG A 163 9.19 4.74 -16.29
N ASP A 164 7.97 4.25 -16.03
CA ASP A 164 6.77 5.01 -16.40
C ASP A 164 6.78 6.38 -15.75
N MET A 165 7.22 6.47 -14.49
CA MET A 165 7.20 7.75 -13.80
C MET A 165 8.07 8.78 -14.51
N ASP A 166 9.21 8.34 -15.06
CA ASP A 166 10.07 9.29 -15.75
C ASP A 166 9.53 9.67 -17.13
N VAL A 167 8.84 8.74 -17.80
CA VAL A 167 8.11 9.12 -19.01
C VAL A 167 7.07 10.19 -18.67
N ILE A 168 6.38 10.02 -17.55
CA ILE A 168 5.37 11.00 -17.15
C ILE A 168 6.02 12.35 -16.89
N ARG A 169 7.14 12.36 -16.16
CA ARG A 169 7.86 13.61 -15.92
C ARG A 169 8.19 14.33 -17.22
N ARG A 170 8.70 13.58 -18.21
CA ARG A 170 9.07 14.20 -19.48
C ARG A 170 7.83 14.61 -20.27
N ALA A 171 6.76 13.82 -20.20
CA ALA A 171 5.52 14.19 -20.87
C ALA A 171 4.91 15.45 -20.24
N LEU A 172 5.09 15.64 -18.94
CA LEU A 172 4.65 16.87 -18.28
C LEU A 172 5.54 18.05 -18.59
N GLY A 173 6.64 17.83 -19.31
CA GLY A 173 7.55 18.88 -19.67
C GLY A 173 8.31 19.46 -18.49
N GLU A 174 8.69 18.62 -17.51
CA GLU A 174 9.43 19.06 -16.34
C GLU A 174 10.83 18.46 -16.37
N ASP A 175 11.85 19.31 -16.22
CA ASP A 175 13.21 18.81 -16.04
C ASP A 175 13.39 18.21 -14.66
N ARG A 176 12.90 18.89 -13.63
CA ARG A 176 12.88 18.39 -12.26
C ARG A 176 11.43 18.22 -11.81
N ILE A 177 11.21 17.23 -10.95
CA ILE A 177 9.87 16.94 -10.47
C ILE A 177 9.97 16.53 -9.01
N SER A 178 8.95 16.89 -8.24
CA SER A 178 8.84 16.51 -6.84
C SER A 178 7.95 15.28 -6.72
N TYR A 179 8.08 14.57 -5.59
CA TYR A 179 7.37 13.32 -5.42
C TYR A 179 6.90 13.14 -3.98
N LEU A 180 5.67 12.61 -3.84
CA LEU A 180 5.14 12.19 -2.55
C LEU A 180 4.57 10.79 -2.72
N GLY A 181 4.98 9.88 -1.84
CA GLY A 181 4.48 8.51 -1.88
C GLY A 181 4.33 7.89 -0.50
N HIS A 182 3.27 7.09 -0.32
CA HIS A 182 2.97 6.42 0.94
C HIS A 182 3.03 4.90 0.76
N SER A 183 3.62 4.21 1.73
CA SER A 183 3.70 2.73 1.75
C SER A 183 4.33 2.22 0.46
N TYR A 184 3.55 1.55 -0.40
CA TYR A 184 4.11 1.15 -1.69
C TYR A 184 4.58 2.36 -2.50
N GLY A 185 3.91 3.50 -2.34
CA GLY A 185 4.36 4.70 -3.01
C GLY A 185 5.70 5.20 -2.50
N SER A 186 6.01 4.92 -1.23
CA SER A 186 7.34 5.25 -0.72
C SER A 186 8.41 4.44 -1.44
N TYR A 187 8.12 3.17 -1.74
CA TYR A 187 9.06 2.34 -2.45
C TYR A 187 9.21 2.77 -3.90
N LEU A 188 8.09 3.11 -4.55
CA LEU A 188 8.17 3.61 -5.92
C LEU A 188 9.04 4.87 -6.00
N GLY A 189 8.87 5.78 -5.03
CA GLY A 189 9.71 6.96 -5.00
C GLY A 189 11.17 6.63 -4.76
N ALA A 190 11.44 5.70 -3.84
CA ALA A 190 12.81 5.29 -3.59
C ALA A 190 13.45 4.71 -4.84
N VAL A 191 12.75 3.78 -5.49
CA VAL A 191 13.27 3.16 -6.72
C VAL A 191 13.47 4.22 -7.79
N TRP A 192 12.51 5.13 -7.93
CA TRP A 192 12.63 6.16 -8.96
C TRP A 192 13.81 7.09 -8.71
N THR A 193 14.06 7.46 -7.44
CA THR A 193 15.22 8.30 -7.16
C THR A 193 16.52 7.55 -7.46
N GLN A 194 16.56 6.25 -7.16
CA GLN A 194 17.77 5.49 -7.45
C GLN A 194 18.02 5.39 -8.94
N MET A 195 16.95 5.33 -9.74
CA MET A 195 17.09 5.21 -11.19
C MET A 195 17.16 6.56 -11.90
N PHE A 196 16.48 7.58 -11.38
CA PHE A 196 16.33 8.85 -12.09
C PHE A 196 16.51 10.06 -11.17
N GLY A 197 17.26 9.89 -10.07
CA GLY A 197 17.30 10.89 -9.02
C GLY A 197 17.85 12.25 -9.43
N GLU A 198 18.61 12.31 -10.52
CA GLU A 198 19.08 13.61 -11.00
C GLU A 198 17.94 14.52 -11.40
N HIS A 199 16.74 13.96 -11.62
CA HIS A 199 15.56 14.72 -11.98
C HIS A 199 14.66 15.01 -10.80
N ALA A 200 15.10 14.73 -9.58
CA ALA A 200 14.28 14.93 -8.39
C ALA A 200 14.44 16.36 -7.88
N ASP A 201 13.32 17.00 -7.57
CA ASP A 201 13.34 18.31 -6.92
C ASP A 201 13.24 18.10 -5.40
N ARG A 202 12.03 17.94 -4.89
CA ARG A 202 11.83 17.57 -3.49
C ARG A 202 11.09 16.25 -3.41
N VAL A 203 11.46 15.41 -2.45
CA VAL A 203 10.91 14.06 -2.35
C VAL A 203 10.49 13.81 -0.91
N VAL A 204 9.25 13.38 -0.72
CA VAL A 204 8.72 12.98 0.58
C VAL A 204 8.27 11.53 0.48
N LEU A 205 8.84 10.67 1.31
CA LEU A 205 8.43 9.27 1.40
C LEU A 205 7.86 9.03 2.78
N ASP A 206 6.63 8.53 2.83
CA ASP A 206 5.83 8.44 4.04
C ASP A 206 5.45 6.98 4.30
N SER A 207 5.59 6.55 5.55
CA SER A 207 5.25 5.17 5.92
C SER A 207 6.07 4.21 5.07
N VAL A 208 7.34 4.03 5.43
CA VAL A 208 8.40 3.67 4.49
C VAL A 208 8.62 2.16 4.52
N ILE A 209 8.36 1.52 3.39
CA ILE A 209 8.68 0.10 3.23
C ILE A 209 10.19 -0.11 3.33
N ASP A 210 10.60 -1.15 4.04
CA ASP A 210 12.00 -1.52 4.09
C ASP A 210 12.43 -2.03 2.72
N PRO A 211 13.31 -1.32 2.00
CA PRO A 211 13.67 -1.76 0.64
C PRO A 211 14.54 -3.00 0.60
N SER A 212 15.03 -3.48 1.75
CA SER A 212 15.77 -4.73 1.81
C SER A 212 14.87 -5.93 2.07
N SER A 213 13.55 -5.71 2.19
CA SER A 213 12.61 -6.76 2.54
C SER A 213 11.75 -7.23 1.36
N VAL A 214 12.14 -6.87 0.14
CA VAL A 214 11.34 -7.15 -1.06
C VAL A 214 11.48 -8.63 -1.42
N TRP A 215 10.39 -9.41 -1.34
CA TRP A 215 9.11 -9.07 -0.72
C TRP A 215 8.75 -10.05 0.40
N ARG A 216 9.26 -11.29 0.32
CA ARG A 216 8.84 -12.31 1.28
C ARG A 216 9.23 -11.94 2.70
N ARG A 217 10.41 -11.33 2.88
CA ARG A 217 10.79 -10.91 4.22
C ARG A 217 9.79 -9.94 4.81
N MET A 218 9.21 -9.08 3.97
CA MET A 218 8.16 -8.17 4.44
C MET A 218 6.93 -8.94 4.88
N PHE A 219 6.51 -9.95 4.11
CA PHE A 219 5.43 -10.83 4.54
C PHE A 219 5.68 -11.39 5.92
N LEU A 220 6.87 -11.97 6.13
CA LEU A 220 7.18 -12.62 7.40
C LEU A 220 7.14 -11.63 8.55
N ASP A 221 7.70 -10.43 8.35
CA ASP A 221 7.74 -9.45 9.42
C ASP A 221 6.36 -8.85 9.70
N TYR A 222 5.49 -8.84 8.70
CA TYR A 222 4.12 -8.34 8.92
C TYR A 222 3.39 -9.22 9.93
N ALA A 223 3.62 -10.53 9.88
CA ALA A 223 3.01 -11.43 10.86
C ALA A 223 3.38 -11.02 12.28
N VAL A 224 4.62 -10.54 12.48
CA VAL A 224 5.04 -10.10 13.80
C VAL A 224 4.34 -8.79 14.19
N SER A 225 4.34 -7.81 13.28
CA SER A 225 3.68 -6.53 13.55
C SER A 225 2.21 -6.72 13.88
N CYS A 226 1.55 -7.58 13.13
CA CYS A 226 0.13 -7.83 13.37
CA CYS A 226 0.14 -7.87 13.38
C CYS A 226 -0.10 -8.39 14.80
N GLU A 227 0.74 -9.32 15.24
CA GLU A 227 0.60 -9.86 16.58
C GLU A 227 0.73 -8.76 17.61
N ALA A 228 1.73 -7.90 17.45
CA ALA A 228 1.96 -6.82 18.41
C ALA A 228 0.78 -5.86 18.44
N ALA A 229 0.23 -5.51 17.27
CA ALA A 229 -0.91 -4.61 17.24
C ALA A 229 -2.13 -5.25 17.89
N LEU A 230 -2.34 -6.54 17.66
CA LEU A 230 -3.47 -7.24 18.26
C LEU A 230 -3.36 -7.25 19.77
N GLU A 231 -2.15 -7.28 20.30
CA GLU A 231 -1.97 -7.30 21.75
C GLU A 231 -2.27 -5.93 22.35
N ARG A 232 -1.89 -4.85 21.68
CA ARG A 232 -2.24 -3.53 22.16
C ARG A 232 -3.75 -3.27 22.07
N TRP A 233 -4.41 -3.81 21.04
CA TRP A 233 -5.84 -3.61 20.92
C TRP A 233 -6.60 -4.46 21.94
N ALA A 234 -6.13 -5.68 22.19
CA ALA A 234 -6.80 -6.54 23.17
C ALA A 234 -6.77 -5.93 24.56
N HIS A 235 -5.69 -5.23 24.92
CA HIS A 235 -5.65 -4.53 26.19
C HIS A 235 -6.65 -3.38 26.19
N TRP A 236 -6.64 -2.56 25.14
CA TRP A 236 -7.60 -1.47 24.99
C TRP A 236 -9.03 -1.97 25.12
N ALA A 237 -9.34 -3.08 24.43
CA ALA A 237 -10.68 -3.63 24.48
C ALA A 237 -11.01 -4.16 25.87
N ALA A 238 -10.02 -4.75 26.54
CA ALA A 238 -10.24 -5.30 27.88
C ALA A 238 -10.60 -4.21 28.87
N GLU A 239 -10.00 -3.04 28.73
CA GLU A 239 -10.32 -1.88 29.58
C GLU A 239 -11.75 -1.39 29.34
N ARG A 240 -12.45 -2.00 28.36
CA ARG A 240 -13.79 -1.57 27.95
C ARG A 240 -14.75 -2.74 27.89
N ASP A 241 -14.56 -3.74 28.76
CA ASP A 241 -15.52 -4.83 28.84
C ASP A 241 -16.91 -4.33 29.18
N GLY A 242 -17.01 -3.17 29.84
CA GLY A 242 -18.28 -2.55 30.15
C GLY A 242 -19.02 -1.98 28.96
N GLU A 243 -18.43 -2.03 27.77
CA GLU A 243 -19.08 -1.65 26.53
C GLU A 243 -19.10 -2.78 25.51
N LEU A 244 -18.05 -3.59 25.47
CA LEU A 244 -17.89 -4.60 24.42
C LEU A 244 -18.19 -6.01 24.90
N ASP A 245 -18.08 -6.28 26.20
CA ASP A 245 -18.37 -7.60 26.77
C ASP A 245 -17.59 -8.69 26.04
N LEU A 246 -16.27 -8.50 25.95
CA LEU A 246 -15.39 -9.47 25.32
C LEU A 246 -14.35 -10.04 26.26
N GLY A 247 -14.24 -9.52 27.47
CA GLY A 247 -13.27 -9.99 28.44
C GLY A 247 -12.71 -8.77 29.15
N ARG A 248 -12.35 -8.96 30.42
CA ARG A 248 -11.72 -7.89 31.19
C ARG A 248 -10.20 -7.97 31.13
N ASP A 249 -9.64 -8.89 30.36
CA ASP A 249 -8.19 -8.99 30.17
C ASP A 249 -7.92 -9.37 28.72
N ALA A 250 -6.73 -8.98 28.24
CA ALA A 250 -6.38 -9.16 26.83
C ALA A 250 -6.46 -10.61 26.36
N PRO A 251 -5.88 -11.60 27.06
CA PRO A 251 -5.99 -12.98 26.55
C PRO A 251 -7.42 -13.44 26.39
N THR A 252 -8.33 -12.97 27.24
CA THR A 252 -9.73 -13.34 27.11
C THR A 252 -10.37 -12.68 25.89
N VAL A 253 -10.05 -11.40 25.66
CA VAL A 253 -10.52 -10.74 24.45
C VAL A 253 -9.96 -11.44 23.21
N ARG A 254 -8.66 -11.72 23.20
CA ARG A 254 -8.05 -12.40 22.05
C ARG A 254 -8.70 -13.74 21.79
N ALA A 255 -9.00 -14.50 22.86
CA ALA A 255 -9.63 -15.81 22.70
C ALA A 255 -10.99 -15.68 22.04
N ALA A 256 -11.77 -14.65 22.41
CA ALA A 256 -13.05 -14.41 21.76
C ALA A 256 -12.86 -14.10 20.29
N LEU A 257 -11.94 -13.18 19.98
CA LEU A 257 -11.62 -12.88 18.58
C LEU A 257 -11.18 -14.12 17.84
N ASP A 258 -10.31 -14.93 18.45
CA ASP A 258 -9.80 -16.13 17.80
C ASP A 258 -10.92 -17.10 17.47
N ALA A 259 -11.80 -17.37 18.44
CA ALA A 259 -12.90 -18.29 18.20
C ALA A 259 -13.84 -17.76 17.13
N LEU A 260 -14.11 -16.45 17.12
CA LEU A 260 -14.93 -15.86 16.08
C LEU A 260 -14.35 -16.13 14.70
N ALA A 261 -13.05 -15.86 14.53
CA ALA A 261 -12.39 -16.13 13.25
C ALA A 261 -12.42 -17.62 12.91
N GLY A 262 -12.26 -18.48 13.93
CA GLY A 262 -12.32 -19.91 13.68
C GLY A 262 -13.66 -20.35 13.13
N ARG A 263 -14.76 -19.85 13.70
CA ARG A 263 -16.08 -20.14 13.15
C ARG A 263 -16.22 -19.61 11.74
N ALA A 264 -15.73 -18.39 11.49
CA ALA A 264 -15.79 -17.83 10.15
C ALA A 264 -15.01 -18.68 9.15
N ASP A 265 -13.94 -19.33 9.60
CA ASP A 265 -13.25 -20.28 8.72
C ASP A 265 -14.17 -21.45 8.35
N ARG A 266 -14.95 -21.94 9.31
CA ARG A 266 -15.89 -23.02 9.04
C ARG A 266 -17.06 -22.52 8.20
N GLU A 267 -17.82 -21.58 8.74
CA GLU A 267 -18.98 -21.05 8.10
C GLU A 267 -18.84 -19.55 7.90
N PRO A 268 -19.13 -19.03 6.70
CA PRO A 268 -19.09 -17.58 6.51
C PRO A 268 -20.11 -16.88 7.40
N LEU A 269 -19.69 -15.75 7.99
CA LEU A 269 -20.54 -14.98 8.86
C LEU A 269 -21.34 -13.98 8.03
N PRO A 270 -22.67 -13.97 8.13
CA PRO A 270 -23.47 -13.05 7.31
C PRO A 270 -23.42 -11.64 7.90
N VAL A 271 -22.89 -10.70 7.12
CA VAL A 271 -22.77 -9.31 7.52
C VAL A 271 -23.45 -8.47 6.45
N ALA A 272 -24.62 -7.91 6.79
CA ALA A 272 -25.40 -7.10 5.87
C ALA A 272 -25.65 -7.86 4.56
N GLY A 273 -25.95 -9.15 4.68
CA GLY A 273 -26.28 -9.98 3.54
C GLY A 273 -25.13 -10.48 2.72
N MET A 274 -23.90 -10.28 3.17
CA MET A 274 -22.75 -10.75 2.43
C MET A 274 -21.92 -11.70 3.29
N PRO A 275 -21.48 -12.84 2.74
CA PRO A 275 -20.76 -13.83 3.56
C PRO A 275 -19.34 -13.38 3.85
N VAL A 276 -18.97 -13.37 5.12
CA VAL A 276 -17.63 -12.97 5.56
C VAL A 276 -16.96 -14.20 6.14
N ASP A 277 -15.99 -14.74 5.41
CA ASP A 277 -15.25 -15.92 5.88
C ASP A 277 -14.08 -15.46 6.74
N GLY A 278 -13.30 -16.43 7.23
CA GLY A 278 -12.25 -16.11 8.18
C GLY A 278 -11.20 -15.17 7.61
N THR A 279 -10.82 -15.40 6.35
CA THR A 279 -9.82 -14.54 5.71
C THR A 279 -10.33 -13.10 5.62
N MET A 280 -11.57 -12.90 5.16
CA MET A 280 -12.14 -11.56 5.08
CA MET A 280 -12.13 -11.55 5.09
C MET A 280 -12.23 -10.93 6.47
N LEU A 281 -12.70 -11.70 7.46
CA LEU A 281 -12.84 -11.17 8.81
C LEU A 281 -11.48 -10.73 9.38
N ARG A 282 -10.46 -11.57 9.21
CA ARG A 282 -9.13 -11.20 9.67
C ARG A 282 -8.60 -9.98 8.93
N LEU A 283 -8.93 -9.85 7.65
CA LEU A 283 -8.50 -8.68 6.89
C LEU A 283 -9.15 -7.40 7.42
N PHE A 284 -10.47 -7.43 7.64
CA PHE A 284 -11.14 -6.28 8.24
C PHE A 284 -10.53 -5.96 9.60
N THR A 285 -10.24 -6.99 10.40
CA THR A 285 -9.58 -6.77 11.69
C THR A 285 -8.27 -6.01 11.50
N MET A 286 -7.41 -6.48 10.59
CA MET A 286 -6.09 -5.89 10.45
C MET A 286 -6.16 -4.47 9.94
N VAL A 287 -7.07 -4.19 9.00
CA VAL A 287 -7.19 -2.82 8.49
C VAL A 287 -7.59 -1.88 9.61
N LEU A 288 -8.58 -2.28 10.43
CA LEU A 288 -8.99 -1.44 11.55
C LEU A 288 -7.91 -1.37 12.63
N LEU A 289 -7.15 -2.45 12.80
CA LEU A 289 -6.05 -2.46 13.77
C LEU A 289 -5.03 -1.36 13.47
N SER A 290 -4.79 -1.07 12.19
CA SER A 290 -3.68 -0.21 11.78
C SER A 290 -3.81 1.22 12.26
N SER A 291 -5.01 1.67 12.62
CA SER A 291 -5.22 3.02 13.13
C SER A 291 -6.00 2.94 14.42
N ASP A 292 -5.45 3.49 15.50
CA ASP A 292 -6.17 3.43 16.77
C ASP A 292 -7.44 4.28 16.74
N ARG A 293 -7.55 5.19 15.77
CA ARG A 293 -8.81 5.88 15.54
C ARG A 293 -9.88 4.97 14.96
N ALA A 294 -9.51 3.76 14.53
CA ALA A 294 -10.46 2.78 14.03
C ALA A 294 -10.72 1.65 15.01
N TRP A 295 -10.11 1.69 16.19
CA TRP A 295 -10.25 0.58 17.14
C TRP A 295 -11.69 0.47 17.67
N GLY A 296 -12.43 1.58 17.72
CA GLY A 296 -13.82 1.50 18.12
C GLY A 296 -14.65 0.73 17.12
N PHE A 297 -14.41 0.96 15.83
CA PHE A 297 -15.05 0.15 14.79
C PHE A 297 -14.76 -1.33 15.00
N LEU A 298 -13.50 -1.67 15.29
CA LEU A 298 -13.13 -3.06 15.51
C LEU A 298 -13.86 -3.64 16.72
N GLY A 299 -13.85 -2.90 17.84
CA GLY A 299 -14.62 -3.34 18.99
C GLY A 299 -16.08 -3.56 18.65
N ASP A 300 -16.66 -2.66 17.84
CA ASP A 300 -18.06 -2.78 17.46
C ASP A 300 -18.34 -4.08 16.72
N ILE A 301 -17.53 -4.38 15.69
CA ILE A 301 -17.84 -5.53 14.85
C ILE A 301 -17.56 -6.83 15.58
N VAL A 302 -16.52 -6.86 16.42
CA VAL A 302 -16.26 -8.07 17.22
C VAL A 302 -17.36 -8.26 18.25
N ARG A 303 -17.73 -7.20 18.97
CA ARG A 303 -18.85 -7.28 19.89
C ARG A 303 -20.09 -7.85 19.21
N ALA A 304 -20.46 -7.29 18.07
CA ALA A 304 -21.71 -7.67 17.41
C ALA A 304 -21.66 -9.11 16.92
N ALA A 305 -20.60 -9.47 16.19
CA ALA A 305 -20.51 -10.82 15.66
C ALA A 305 -20.42 -11.87 16.76
N VAL A 306 -19.76 -11.54 17.87
CA VAL A 306 -19.64 -12.48 18.97
C VAL A 306 -21.00 -12.73 19.61
N HIS A 307 -21.74 -11.67 19.88
CA HIS A 307 -23.05 -11.76 20.52
C HIS A 307 -24.19 -11.96 19.52
N GLY A 308 -23.88 -12.17 18.24
CA GLY A 308 -24.91 -12.39 17.24
C GLY A 308 -25.74 -11.18 16.91
N ASP A 309 -25.26 -9.98 17.24
CA ASP A 309 -25.98 -8.74 17.00
C ASP A 309 -25.53 -8.11 15.69
N GLU A 310 -26.08 -6.94 15.40
CA GLU A 310 -25.72 -6.17 14.23
C GLU A 310 -24.74 -5.06 14.61
N ALA A 311 -23.71 -4.88 13.79
CA ALA A 311 -22.80 -3.77 13.95
C ALA A 311 -23.50 -2.46 13.63
N ALA A 312 -22.95 -1.36 14.15
CA ALA A 312 -23.46 -0.05 13.81
C ALA A 312 -23.40 0.16 12.31
N PRO A 313 -24.38 0.86 11.71
CA PRO A 313 -24.28 1.18 10.28
C PRO A 313 -22.95 1.79 9.89
N SER A 314 -22.40 2.68 10.72
CA SER A 314 -21.11 3.29 10.42
C SER A 314 -20.02 2.23 10.27
N THR A 315 -20.01 1.24 11.18
CA THR A 315 -19.03 0.16 11.06
C THR A 315 -19.19 -0.60 9.75
N LEU A 316 -20.43 -0.91 9.39
CA LEU A 316 -20.68 -1.65 8.15
C LEU A 316 -20.26 -0.85 6.93
N ARG A 317 -20.39 0.47 6.98
CA ARG A 317 -19.99 1.29 5.84
C ARG A 317 -18.47 1.28 5.62
N ALA A 318 -17.70 0.81 6.60
CA ALA A 318 -16.30 0.52 6.35
C ALA A 318 -16.13 -0.87 5.72
N LEU A 319 -16.95 -1.83 6.15
CA LEU A 319 -16.91 -3.17 5.56
C LEU A 319 -17.40 -3.16 4.13
N GLY A 320 -18.54 -2.49 3.87
CA GLY A 320 -19.01 -2.35 2.49
C GLY A 320 -17.99 -1.68 1.61
N ALA A 321 -17.13 -0.85 2.18
CA ALA A 321 -16.12 -0.14 1.39
C ALA A 321 -15.04 -1.10 0.88
N MET A 322 -14.61 -2.05 1.71
CA MET A 322 -13.48 -2.91 1.37
CA MET A 322 -13.48 -2.90 1.36
C MET A 322 -13.88 -4.20 0.68
N PHE A 323 -15.15 -4.62 0.76
CA PHE A 323 -15.50 -5.86 0.10
C PHE A 323 -16.82 -5.82 -0.66
N GLY A 324 -17.47 -4.66 -0.75
CA GLY A 324 -18.66 -4.49 -1.57
C GLY A 324 -18.38 -3.97 -2.96
N ARG A 325 -19.28 -3.10 -3.46
CA ARG A 325 -19.24 -2.67 -4.86
C ARG A 325 -17.92 -2.02 -5.25
N GLY A 326 -17.17 -1.47 -4.29
CA GLY A 326 -15.90 -0.85 -4.62
C GLY A 326 -14.86 -1.84 -5.08
N LYS A 327 -14.77 -3.00 -4.42
CA LYS A 327 -13.65 -3.92 -4.58
C LYS A 327 -13.45 -4.33 -6.05
N GLU A 328 -12.19 -4.59 -6.40
CA GLU A 328 -11.78 -4.90 -7.77
C GLU A 328 -10.81 -6.08 -7.80
N GLU A 329 -11.03 -6.98 -8.76
CA GLU A 329 -10.08 -8.06 -9.01
C GLU A 329 -8.78 -7.52 -9.61
N SER A 330 -8.85 -6.40 -10.33
CA SER A 330 -7.66 -5.83 -10.94
C SER A 330 -6.58 -5.50 -9.93
N GLY A 331 -6.98 -5.14 -8.70
CA GLY A 331 -5.99 -4.87 -7.67
C GLY A 331 -5.24 -6.13 -7.24
N ALA A 332 -5.95 -7.25 -7.14
CA ALA A 332 -5.33 -8.51 -6.74
C ALA A 332 -4.30 -8.96 -7.77
N VAL A 333 -4.61 -8.78 -9.06
CA VAL A 333 -3.67 -9.16 -10.11
C VAL A 333 -2.46 -8.23 -10.10
N ALA A 334 -2.70 -6.93 -9.86
CA ALA A 334 -1.58 -5.99 -9.76
C ALA A 334 -0.67 -6.36 -8.60
N GLN A 335 -1.24 -6.73 -7.45
CA GLN A 335 -0.43 -7.18 -6.33
C GLN A 335 0.42 -8.38 -6.72
N LEU A 336 -0.18 -9.34 -7.44
CA LEU A 336 0.52 -10.55 -7.84
C LEU A 336 1.76 -10.22 -8.66
N GLY A 337 1.60 -9.38 -9.69
CA GLY A 337 2.71 -9.07 -10.57
C GLY A 337 3.86 -8.38 -9.85
N VAL A 338 3.54 -7.41 -8.99
CA VAL A 338 4.58 -6.68 -8.26
C VAL A 338 5.23 -7.59 -7.22
N LEU A 339 4.43 -8.26 -6.40
CA LEU A 339 4.98 -8.99 -5.26
C LEU A 339 5.71 -10.25 -5.69
N CYS A 340 5.23 -10.92 -6.74
CA CYS A 340 5.88 -12.11 -7.24
C CYS A 340 6.95 -11.82 -8.29
N GLY A 341 6.88 -10.67 -8.96
CA GLY A 341 7.76 -10.41 -10.08
C GLY A 341 9.00 -9.59 -9.77
N ASP A 342 8.93 -8.76 -8.71
CA ASP A 342 10.08 -7.92 -8.34
C ASP A 342 11.28 -8.76 -7.91
N ALA A 343 11.03 -9.89 -7.26
CA ALA A 343 12.10 -10.74 -6.75
C ALA A 343 11.65 -12.19 -6.83
N ALA A 344 12.62 -13.08 -6.99
CA ALA A 344 12.33 -14.51 -7.05
C ALA A 344 12.08 -15.02 -5.63
N TRP A 345 10.90 -15.58 -5.39
CA TRP A 345 10.58 -16.22 -4.13
C TRP A 345 11.27 -17.59 -4.05
N PRO A 346 11.58 -18.07 -2.84
CA PRO A 346 12.11 -19.44 -2.72
C PRO A 346 11.18 -20.45 -3.37
N ARG A 347 11.76 -21.39 -4.12
CA ARG A 347 10.97 -22.42 -4.79
C ARG A 347 10.76 -23.66 -3.94
N ASP A 348 11.63 -23.91 -2.97
CA ASP A 348 11.63 -25.17 -2.22
C ASP A 348 10.51 -25.16 -1.17
N MET A 349 9.62 -26.15 -1.24
CA MET A 349 8.51 -26.23 -0.30
C MET A 349 8.95 -26.50 1.12
N GLU A 350 10.17 -27.00 1.31
CA GLU A 350 10.66 -27.22 2.67
C GLU A 350 10.75 -25.92 3.45
N VAL A 351 11.24 -24.85 2.80
CA VAL A 351 11.28 -23.54 3.45
C VAL A 351 9.90 -23.18 3.99
N TYR A 352 8.88 -23.30 3.14
CA TYR A 352 7.52 -22.93 3.54
C TYR A 352 6.95 -23.89 4.56
N ARG A 353 7.23 -25.19 4.42
CA ARG A 353 6.76 -26.16 5.40
C ARG A 353 7.29 -25.83 6.79
N ARG A 354 8.60 -25.55 6.88
CA ARG A 354 9.20 -25.25 8.18
C ARG A 354 8.71 -23.92 8.73
N ASP A 355 8.66 -22.89 7.89
CA ASP A 355 8.25 -21.57 8.38
C ASP A 355 6.80 -21.56 8.84
N LEU A 356 5.94 -22.35 8.21
CA LEU A 356 4.56 -22.49 8.67
C LEU A 356 4.53 -23.04 10.10
N ALA A 357 5.29 -24.12 10.35
CA ALA A 357 5.23 -24.80 11.63
C ALA A 357 5.90 -23.99 12.74
N GLY A 358 6.88 -23.16 12.40
CA GLY A 358 7.59 -22.34 13.36
C GLY A 358 7.02 -20.94 13.39
N HIS A 359 7.51 -20.08 12.50
CA HIS A 359 7.11 -18.67 12.48
C HIS A 359 5.60 -18.51 12.39
N GLY A 360 4.95 -19.27 11.50
CA GLY A 360 3.51 -19.16 11.35
C GLY A 360 2.75 -19.51 12.62
N ALA A 361 3.13 -20.62 13.27
CA ALA A 361 2.46 -21.02 14.51
C ALA A 361 2.78 -20.08 15.67
N ARG A 362 3.95 -19.44 15.64
CA ARG A 362 4.31 -18.49 16.70
C ARG A 362 3.57 -17.18 16.57
N HIS A 363 3.00 -16.89 15.40
CA HIS A 363 2.28 -15.65 15.13
C HIS A 363 0.95 -16.02 14.50
N PRO A 364 0.04 -16.57 15.29
CA PRO A 364 -1.06 -17.37 14.72
C PRO A 364 -2.13 -16.59 13.97
N PHE A 365 -2.29 -15.28 14.19
CA PHE A 365 -3.40 -14.60 13.53
C PHE A 365 -3.23 -14.58 12.01
N ILE A 366 -2.08 -14.10 11.52
CA ILE A 366 -1.83 -14.04 10.09
C ILE A 366 -0.51 -14.70 9.70
N GLY A 367 0.26 -15.21 10.65
CA GLY A 367 1.51 -15.90 10.38
C GLY A 367 1.43 -16.99 9.34
N PRO A 368 0.43 -17.87 9.44
CA PRO A 368 0.32 -18.94 8.43
C PRO A 368 0.11 -18.44 7.02
N ALA A 369 -0.69 -17.39 6.84
CA ALA A 369 -0.85 -16.80 5.52
C ALA A 369 0.41 -16.11 5.04
N MET A 370 1.28 -15.70 5.96
CA MET A 370 2.50 -14.98 5.61
C MET A 370 3.69 -15.90 5.37
N ALA A 371 3.74 -17.04 6.05
CA ALA A 371 4.92 -17.90 6.02
C ALA A 371 4.81 -19.06 5.03
N GLY A 372 3.62 -19.42 4.60
CA GLY A 372 3.42 -20.59 3.78
C GLY A 372 3.68 -20.36 2.30
N PRO A 373 3.36 -21.36 1.47
CA PRO A 373 3.78 -21.34 0.06
C PRO A 373 2.98 -20.39 -0.82
N LYS A 374 3.41 -19.13 -0.92
CA LYS A 374 2.68 -18.14 -1.68
C LYS A 374 2.92 -18.28 -3.18
N ALA A 375 2.11 -17.56 -3.96
CA ALA A 375 2.14 -17.64 -5.41
C ALA A 375 3.52 -17.42 -6.00
N GLY A 376 4.36 -16.61 -5.34
CA GLY A 376 5.68 -16.31 -5.88
C GLY A 376 6.55 -17.54 -6.03
N ALA A 377 6.34 -18.57 -5.19
CA ALA A 377 7.12 -19.80 -5.29
C ALA A 377 6.93 -20.48 -6.63
N PHE A 378 5.80 -20.21 -7.31
CA PHE A 378 5.42 -20.91 -8.53
C PHE A 378 5.46 -20.01 -9.76
N TRP A 379 6.23 -18.94 -9.70
CA TRP A 379 6.26 -17.98 -10.79
C TRP A 379 6.91 -18.60 -12.03
N PRO A 380 6.29 -18.50 -13.20
CA PRO A 380 6.80 -19.19 -14.39
C PRO A 380 7.85 -18.42 -15.18
N VAL A 381 8.19 -17.20 -14.80
CA VAL A 381 9.24 -16.44 -15.49
C VAL A 381 10.35 -16.11 -14.50
N PRO A 382 11.60 -16.09 -14.92
CA PRO A 382 12.67 -15.64 -14.05
C PRO A 382 12.56 -14.15 -13.81
N PRO A 383 13.18 -13.63 -12.75
CA PRO A 383 13.17 -12.17 -12.55
C PRO A 383 13.86 -11.47 -13.71
N ALA A 384 13.21 -10.41 -14.22
CA ALA A 384 13.78 -9.64 -15.31
C ALA A 384 15.01 -8.85 -14.89
N GLU A 385 15.04 -8.37 -13.66
CA GLU A 385 16.12 -7.54 -13.16
C GLU A 385 16.34 -7.87 -11.68
N PRO A 386 17.53 -7.53 -11.16
CA PRO A 386 17.71 -7.60 -9.70
C PRO A 386 16.77 -6.64 -8.97
N VAL A 387 16.61 -6.89 -7.66
CA VAL A 387 15.93 -5.92 -6.81
C VAL A 387 16.76 -4.65 -6.75
N THR A 388 16.08 -3.51 -6.84
CA THR A 388 16.77 -2.22 -6.82
C THR A 388 17.63 -2.09 -5.57
N VAL A 389 18.88 -1.68 -5.75
CA VAL A 389 19.82 -1.48 -4.66
C VAL A 389 19.88 0.01 -4.38
N LEU A 390 19.40 0.42 -3.21
CA LEU A 390 19.49 1.80 -2.76
C LEU A 390 20.82 2.02 -2.06
N GLY A 391 21.44 3.17 -2.28
CA GLY A 391 22.74 3.38 -1.68
C GLY A 391 23.26 4.80 -1.88
N ALA A 392 24.55 4.94 -1.56
CA ALA A 392 25.20 6.25 -1.53
C ALA A 392 25.25 6.91 -2.90
N ASP A 393 25.09 6.16 -3.98
CA ASP A 393 25.11 6.72 -5.32
C ASP A 393 23.77 7.32 -5.74
N ASN A 394 22.77 7.31 -4.86
CA ASN A 394 21.47 7.92 -5.17
C ASN A 394 21.66 9.43 -5.40
N ARG A 395 21.21 9.90 -6.57
CA ARG A 395 21.52 11.24 -7.00
C ARG A 395 20.43 12.25 -6.62
N ALA A 396 19.38 11.84 -5.91
CA ALA A 396 18.38 12.81 -5.45
C ALA A 396 19.04 13.80 -4.50
N GLU A 397 18.76 15.08 -4.71
CA GLU A 397 19.36 16.10 -3.87
C GLU A 397 18.93 15.94 -2.42
N SER A 398 17.65 15.63 -2.18
CA SER A 398 17.12 15.55 -0.83
C SER A 398 15.91 14.64 -0.80
N VAL A 399 15.73 13.95 0.31
CA VAL A 399 14.58 13.08 0.55
C VAL A 399 14.17 13.23 2.01
N LEU A 400 12.91 13.56 2.24
CA LEU A 400 12.36 13.59 3.60
C LEU A 400 11.56 12.33 3.84
N LEU A 401 11.87 11.62 4.93
CA LEU A 401 11.13 10.45 5.35
C LEU A 401 10.20 10.85 6.49
N VAL A 402 8.94 10.41 6.40
CA VAL A 402 7.95 10.64 7.45
C VAL A 402 7.43 9.29 7.91
N GLN A 403 7.35 9.09 9.22
CA GLN A 403 7.10 7.75 9.73
C GLN A 403 6.39 7.82 11.08
N SER A 404 5.34 7.01 11.22
CA SER A 404 4.71 6.80 12.52
C SER A 404 5.54 5.82 13.33
N GLU A 405 5.72 6.11 14.61
CA GLU A 405 6.50 5.25 15.48
C GLU A 405 5.88 3.87 15.60
N GLN A 406 4.54 3.80 15.59
CA GLN A 406 3.80 2.55 15.66
C GLN A 406 2.95 2.42 14.39
N ASP A 407 3.50 1.73 13.40
CA ASP A 407 2.82 1.49 12.12
C ASP A 407 2.84 -0.02 11.88
N MET A 408 1.65 -0.62 11.84
CA MET A 408 1.54 -2.07 11.70
C MET A 408 1.88 -2.54 10.30
N PHE A 409 1.56 -1.75 9.28
CA PHE A 409 1.76 -2.15 7.90
C PHE A 409 3.16 -1.87 7.39
N THR A 410 3.73 -0.72 7.76
CA THR A 410 5.09 -0.35 7.38
C THR A 410 5.79 0.12 8.65
N PRO A 411 6.41 -0.79 9.40
CA PRO A 411 6.99 -0.42 10.69
C PRO A 411 8.13 0.57 10.55
N ALA A 412 8.39 1.29 11.65
CA ALA A 412 9.40 2.35 11.64
C ALA A 412 10.80 1.83 11.31
N ARG A 413 11.06 0.54 11.55
CA ARG A 413 12.36 -0.03 11.19
C ARG A 413 12.67 0.17 9.71
N GLY A 414 11.65 0.06 8.86
CA GLY A 414 11.86 0.30 7.43
C GLY A 414 12.29 1.72 7.12
N ALA A 415 11.69 2.70 7.79
CA ALA A 415 12.12 4.08 7.61
C ALA A 415 13.55 4.27 8.13
N ARG A 416 13.87 3.62 9.25
CA ARG A 416 15.23 3.76 9.78
C ARG A 416 16.25 3.13 8.85
N ARG A 417 15.89 2.02 8.20
CA ARG A 417 16.79 1.40 7.23
C ARG A 417 17.00 2.30 6.03
N MET A 418 15.91 2.88 5.49
CA MET A 418 16.02 3.82 4.39
C MET A 418 16.90 5.01 4.77
N ARG A 419 16.78 5.47 6.02
CA ARG A 419 17.59 6.58 6.49
C ARG A 419 19.08 6.23 6.50
N GLU A 420 19.42 4.96 6.74
CA GLU A 420 20.81 4.53 6.70
C GLU A 420 21.30 4.33 5.27
N LEU A 421 20.50 3.66 4.44
CA LEU A 421 20.92 3.38 3.07
C LEU A 421 21.12 4.66 2.29
N LEU A 422 20.29 5.67 2.53
CA LEU A 422 20.38 6.97 1.88
C LEU A 422 20.83 8.05 2.86
N ALA A 423 21.79 7.71 3.73
CA ALA A 423 22.24 8.63 4.77
C ALA A 423 22.70 9.96 4.20
N HIS A 424 23.18 9.98 2.97
CA HIS A 424 23.78 11.19 2.40
C HIS A 424 22.76 12.24 2.01
N ASN A 425 21.48 11.87 1.80
CA ASN A 425 20.53 12.86 1.30
C ASN A 425 19.15 12.79 1.96
N THR A 426 19.05 12.27 3.18
CA THR A 426 17.76 12.08 3.83
C THR A 426 17.74 12.66 5.22
N ARG A 427 16.52 12.99 5.66
CA ARG A 427 16.22 13.27 7.06
C ARG A 427 14.92 12.55 7.42
N LEU A 428 14.77 12.18 8.68
CA LEU A 428 13.64 11.39 9.14
C LEU A 428 12.84 12.17 10.16
N VAL A 429 11.53 12.26 9.92
CA VAL A 429 10.58 12.83 10.88
C VAL A 429 9.72 11.69 11.41
N THR A 430 9.78 11.45 12.71
CA THR A 430 8.99 10.42 13.37
C THR A 430 7.90 11.07 14.21
N LEU A 431 6.69 10.52 14.13
CA LEU A 431 5.58 10.97 14.96
C LEU A 431 5.35 9.93 16.05
N ALA A 432 5.62 10.30 17.30
CA ALA A 432 5.45 9.40 18.43
C ALA A 432 4.03 9.48 18.98
N GLY A 433 3.58 8.38 19.57
CA GLY A 433 2.23 8.27 20.06
C GLY A 433 1.21 7.93 19.00
N ALA A 434 1.63 7.83 17.74
CA ALA A 434 0.73 7.59 16.63
C ALA A 434 0.68 6.09 16.33
N VAL A 435 -0.50 5.50 16.48
CA VAL A 435 -0.78 4.18 15.95
C VAL A 435 -1.51 4.43 14.62
N GLN A 436 -0.74 4.52 13.54
CA GLN A 436 -1.25 5.09 12.30
C GLN A 436 -0.44 4.56 11.12
N HIS A 437 -1.05 4.65 9.93
CA HIS A 437 -0.40 4.33 8.68
C HIS A 437 -0.80 5.39 7.67
N ARG A 438 0.18 5.94 6.95
CA ARG A 438 0.04 7.12 6.10
C ARG A 438 -0.17 8.35 6.96
N VAL A 439 0.91 9.12 7.21
CA VAL A 439 0.86 10.21 8.18
C VAL A 439 0.65 11.55 7.48
N PHE A 440 1.60 11.97 6.65
CA PHE A 440 1.52 13.26 5.98
C PHE A 440 0.73 13.12 4.69
N PRO A 441 -0.37 13.88 4.51
CA PRO A 441 -0.93 14.78 5.51
C PRO A 441 -2.18 14.23 6.19
N PHE A 442 -2.56 13.00 5.84
CA PHE A 442 -3.89 12.50 6.18
C PHE A 442 -4.13 12.42 7.68
N HIS A 443 -3.07 12.22 8.47
CA HIS A 443 -3.27 12.14 9.92
C HIS A 443 -3.66 13.48 10.53
N GLY A 444 -3.39 14.59 9.84
CA GLY A 444 -3.79 15.89 10.33
C GLY A 444 -2.95 16.42 11.46
N ASP A 445 -1.75 15.88 11.67
CA ASP A 445 -0.89 16.39 12.73
C ASP A 445 -0.28 17.71 12.30
N PRO A 446 -0.48 18.79 13.07
CA PRO A 446 0.09 20.09 12.66
C PRO A 446 1.60 20.10 12.59
N GLY A 447 2.27 19.43 13.53
CA GLY A 447 3.73 19.42 13.52
C GLY A 447 4.30 18.74 12.29
N VAL A 448 3.85 17.51 12.02
CA VAL A 448 4.31 16.78 10.84
C VAL A 448 3.99 17.56 9.57
N ASN A 449 2.74 18.03 9.44
CA ASN A 449 2.33 18.70 8.22
C ASN A 449 3.09 20.01 8.02
N ARG A 450 3.37 20.73 9.10
CA ARG A 450 4.15 21.96 8.98
C ARG A 450 5.58 21.68 8.53
N ALA A 451 6.21 20.66 9.13
CA ALA A 451 7.59 20.34 8.76
C ALA A 451 7.68 19.85 7.33
N ALA A 452 6.77 18.96 6.91
CA ALA A 452 6.80 18.45 5.54
C ALA A 452 6.48 19.55 4.54
N ALA A 453 5.56 20.46 4.88
CA ALA A 453 5.23 21.55 3.96
C ALA A 453 6.40 22.52 3.82
N ALA A 454 7.08 22.82 4.94
CA ALA A 454 8.23 23.71 4.87
C ALA A 454 9.32 23.13 3.97
N TYR A 455 9.55 21.81 4.06
CA TYR A 455 10.56 21.19 3.19
C TYR A 455 10.15 21.26 1.73
N LEU A 456 8.89 20.91 1.43
CA LEU A 456 8.43 20.93 0.04
C LEU A 456 8.53 22.32 -0.56
N LEU A 457 8.31 23.36 0.24
CA LEU A 457 8.29 24.72 -0.27
C LEU A 457 9.66 25.39 -0.25
N THR A 458 10.51 25.08 0.73
CA THR A 458 11.85 25.65 0.77
C THR A 458 12.92 24.74 0.21
N GLY A 459 12.68 23.43 0.17
CA GLY A 459 13.73 22.50 -0.20
C GLY A 459 14.74 22.22 0.89
N LYS A 460 14.54 22.76 2.09
CA LYS A 460 15.45 22.58 3.21
C LYS A 460 14.94 21.47 4.11
N LEU A 461 15.75 20.42 4.27
CA LEU A 461 15.46 19.38 5.24
C LEU A 461 15.64 19.94 6.65
N PRO A 462 15.01 19.32 7.65
CA PRO A 462 15.33 19.67 9.03
C PRO A 462 16.82 19.50 9.29
N ASP A 463 17.35 20.34 10.18
CA ASP A 463 18.77 20.26 10.50
C ASP A 463 19.14 18.87 11.00
N THR A 464 18.24 18.23 11.75
CA THR A 464 18.48 16.92 12.32
C THR A 464 17.20 16.10 12.20
N ASP A 465 17.33 14.79 12.36
CA ASP A 465 16.15 13.94 12.43
C ASP A 465 15.26 14.40 13.58
N LEU A 466 13.96 14.49 13.32
CA LEU A 466 13.01 15.03 14.27
C LEU A 466 12.08 13.94 14.79
N THR A 467 11.82 13.97 16.09
CA THR A 467 10.82 13.12 16.71
C THR A 467 9.78 14.04 17.33
N LEU A 468 8.59 14.06 16.75
CA LEU A 468 7.48 14.87 17.22
C LEU A 468 6.48 14.00 17.97
N ARG A 469 5.78 14.61 18.92
CA ARG A 469 4.72 13.93 19.67
C ARG A 469 3.38 14.45 19.19
N ALA A 470 2.46 13.54 18.93
CA ALA A 470 1.13 13.90 18.43
C ALA A 470 0.38 14.78 19.43
#